data_1EOO
#
_entry.id   1EOO
#
_cell.length_a   72.6
_cell.length_b   120.4
_cell.length_c   182.7
_cell.angle_alpha   90
_cell.angle_beta   90
_cell.angle_gamma   90
#
_symmetry.space_group_name_H-M   'C 2 2 21'
#
loop_
_entity.id
_entity.type
_entity.pdbx_description
1 polymer "DNA (5'-D(*GP*AP*AP*GP*AP*TP*AP*TP*CP*TP*TP*C)-3')"
2 polymer 'TYPE II RESTRICTION ENZYME ECORV'
3 water water
#
loop_
_entity_poly.entity_id
_entity_poly.type
_entity_poly.pdbx_seq_one_letter_code
_entity_poly.pdbx_strand_id
1 'polydeoxyribonucleotide' (DG)(DA)(DA)(DG)(DA)(DT)(DA)(DT)(DC)(DT)(DT)(DC) C,D
2 'polypeptide(L)'
;MSLRSDLINALYDENQKYDVCGIISAEGKIYPLGSDTKVLSTIFELFSRPIINKIAEKHGYIVEEPKQQNHYPDFTLYKP
SEPNKKIAIDIKTTYTNKENEKIKFTLGGYTSFIRNNTKNIVYPFDQYIAHWIIGYVYTRVATRKSSLKTYNINELNEIP
KPYKGVKVFLQDKWVIAGDLAGSGNTTNIGSIHAHYKDFVEGKGIFDSEDEFLDYWRNYERTSQLRNDKYNNISEYRNWI
YRGRK
;
A,B
#
loop_
_chem_comp.id
_chem_comp.type
_chem_comp.name
_chem_comp.formula
DA DNA linking 2'-DEOXYADENOSINE-5'-MONOPHOSPHATE 'C10 H14 N5 O6 P'
DC DNA linking 2'-DEOXYCYTIDINE-5'-MONOPHOSPHATE 'C9 H14 N3 O7 P'
DG DNA linking 2'-DEOXYGUANOSINE-5'-MONOPHOSPHATE 'C10 H14 N5 O7 P'
DT DNA linking THYMIDINE-5'-MONOPHOSPHATE 'C10 H15 N2 O8 P'
#
# COMPACT_ATOMS: atom_id res chain seq x y z
N SER C 2 6.83 -14.89 -27.99
CA SER C 2 6.06 -13.64 -28.19
C SER C 2 6.52 -12.62 -27.13
N LEU C 3 5.80 -11.52 -27.01
CA LEU C 3 6.11 -10.53 -25.98
C LEU C 3 5.82 -11.30 -24.69
N ARG C 4 4.61 -11.81 -24.59
CA ARG C 4 4.13 -12.56 -23.43
C ARG C 4 4.99 -13.70 -22.95
N SER C 5 5.35 -14.63 -23.83
CA SER C 5 6.17 -15.76 -23.42
C SER C 5 7.56 -15.26 -23.09
N ASP C 6 7.97 -14.17 -23.73
CA ASP C 6 9.28 -13.62 -23.46
C ASP C 6 9.23 -13.05 -22.05
N LEU C 7 8.15 -12.32 -21.76
CA LEU C 7 7.93 -11.67 -20.47
C LEU C 7 7.96 -12.67 -19.32
N ILE C 8 7.21 -13.76 -19.43
CA ILE C 8 7.18 -14.78 -18.38
C ILE C 8 8.53 -15.46 -18.13
N ASN C 9 9.28 -15.70 -19.20
CA ASN C 9 10.60 -16.32 -19.06
C ASN C 9 11.53 -15.31 -18.41
N ALA C 10 11.33 -14.04 -18.78
CA ALA C 10 12.14 -12.98 -18.20
C ALA C 10 11.81 -12.90 -16.70
N LEU C 11 10.51 -12.98 -16.39
CA LEU C 11 10.01 -12.93 -15.03
C LEU C 11 10.55 -14.05 -14.18
N TYR C 12 10.32 -15.30 -14.60
CA TYR C 12 10.84 -16.46 -13.86
C TYR C 12 12.34 -16.30 -13.67
N ASP C 13 13.04 -16.06 -14.77
CA ASP C 13 14.48 -15.92 -14.70
C ASP C 13 14.86 -14.94 -13.62
N GLU C 14 14.43 -13.69 -13.77
CA GLU C 14 14.73 -12.64 -12.81
C GLU C 14 14.43 -13.08 -11.38
N ASN C 15 13.28 -13.73 -11.20
CA ASN C 15 12.84 -14.20 -9.89
C ASN C 15 13.75 -15.31 -9.34
N GLN C 16 14.29 -16.12 -10.24
CA GLN C 16 15.16 -17.23 -9.85
C GLN C 16 16.52 -16.73 -9.43
N LYS C 17 17.00 -15.69 -10.10
CA LYS C 17 18.32 -15.13 -9.82
C LYS C 17 18.41 -14.07 -8.71
N TYR C 18 17.33 -13.39 -8.41
CA TYR C 18 17.44 -12.34 -7.42
C TYR C 18 16.44 -12.39 -6.30
N ASP C 19 16.93 -12.11 -5.10
CA ASP C 19 16.10 -12.06 -3.92
C ASP C 19 16.28 -10.65 -3.34
N VAL C 20 15.18 -9.89 -3.30
CA VAL C 20 15.20 -8.52 -2.77
C VAL C 20 15.43 -8.55 -1.24
N CYS C 21 16.38 -7.75 -0.76
CA CYS C 21 16.68 -7.72 0.69
C CYS C 21 16.53 -6.36 1.38
N GLY C 22 16.40 -5.26 0.64
CA GLY C 22 16.23 -3.99 1.32
C GLY C 22 16.11 -2.76 0.44
N ILE C 23 15.99 -1.60 1.07
CA ILE C 23 15.99 -0.35 0.31
C ILE C 23 17.34 0.31 0.55
N ILE C 24 17.99 0.68 -0.53
CA ILE C 24 19.29 1.31 -0.43
C ILE C 24 19.16 2.82 -0.62
N SER C 25 19.98 3.56 0.12
CA SER C 25 19.99 5.01 0.04
C SER C 25 21.18 5.31 -0.87
N ALA C 26 21.14 6.43 -1.58
CA ALA C 26 22.22 6.78 -2.51
C ALA C 26 23.58 6.78 -1.82
N GLU C 27 23.59 7.12 -0.52
CA GLU C 27 24.80 7.14 0.27
C GLU C 27 25.29 5.73 0.64
N GLY C 28 24.59 4.71 0.17
CA GLY C 28 25.00 3.32 0.40
C GLY C 28 24.41 2.55 1.58
N LYS C 29 23.64 3.22 2.42
CA LYS C 29 23.04 2.59 3.60
C LYS C 29 21.85 1.68 3.24
N ILE C 30 21.70 0.56 3.92
CA ILE C 30 20.61 -0.38 3.63
C ILE C 30 19.59 -0.68 4.73
N TYR C 31 18.32 -0.44 4.41
CA TYR C 31 17.23 -0.70 5.33
C TYR C 31 16.53 -2.00 4.92
N PRO C 32 16.54 -3.01 5.80
CA PRO C 32 15.87 -4.27 5.45
C PRO C 32 14.38 -4.09 5.27
N LEU C 33 13.74 -5.15 4.79
CA LEU C 33 12.32 -5.13 4.51
C LEU C 33 11.42 -5.75 5.58
N GLY C 34 10.11 -5.62 5.37
CA GLY C 34 9.11 -6.20 6.24
C GLY C 34 8.51 -7.41 5.53
N SER C 35 7.85 -8.29 6.26
CA SER C 35 7.25 -9.49 5.68
C SER C 35 5.75 -9.38 5.50
N ASP C 36 5.26 -8.17 5.28
CA ASP C 36 3.84 -7.99 5.08
C ASP C 36 3.66 -7.52 3.65
N THR C 37 2.48 -7.81 3.11
CA THR C 37 2.16 -7.51 1.73
C THR C 37 2.20 -6.03 1.41
N LYS C 38 1.86 -5.17 2.36
CA LYS C 38 1.92 -3.74 2.09
C LYS C 38 3.33 -3.39 1.58
N VAL C 39 4.33 -4.05 2.16
CA VAL C 39 5.72 -3.87 1.78
C VAL C 39 6.08 -4.62 0.49
N LEU C 40 5.88 -5.95 0.52
CA LEU C 40 6.23 -6.84 -0.59
C LEU C 40 5.52 -6.62 -1.91
N SER C 41 4.28 -6.19 -1.88
CA SER C 41 3.61 -5.95 -3.15
C SER C 41 4.34 -4.77 -3.81
N THR C 42 4.67 -3.76 -3.01
CA THR C 42 5.39 -2.58 -3.49
C THR C 42 6.76 -3.02 -3.99
N ILE C 43 7.46 -3.82 -3.19
CA ILE C 43 8.78 -4.26 -3.59
C ILE C 43 8.69 -5.02 -4.92
N PHE C 44 7.79 -6.01 -4.99
CA PHE C 44 7.59 -6.82 -6.18
C PHE C 44 7.15 -5.98 -7.39
N GLU C 45 6.38 -4.92 -7.14
CA GLU C 45 5.96 -4.04 -8.23
C GLU C 45 7.22 -3.38 -8.81
N LEU C 46 8.09 -2.88 -7.93
CA LEU C 46 9.31 -2.21 -8.35
C LEU C 46 10.32 -3.18 -8.98
N PHE C 47 10.25 -4.44 -8.57
CA PHE C 47 11.15 -5.47 -9.06
C PHE C 47 10.79 -5.79 -10.52
N SER C 48 9.49 -5.75 -10.81
CA SER C 48 8.99 -6.04 -12.14
C SER C 48 9.26 -4.96 -13.21
N ARG C 49 9.04 -3.70 -12.81
CA ARG C 49 9.21 -2.54 -13.69
C ARG C 49 10.32 -2.63 -14.75
N PRO C 50 11.58 -2.86 -14.34
CA PRO C 50 12.66 -2.95 -15.32
C PRO C 50 12.61 -4.18 -16.24
N ILE C 51 12.02 -5.27 -15.76
CA ILE C 51 11.89 -6.49 -16.53
C ILE C 51 10.89 -6.28 -17.67
N ILE C 52 9.70 -5.80 -17.30
CA ILE C 52 8.62 -5.53 -18.24
C ILE C 52 9.07 -4.55 -19.32
N ASN C 53 9.85 -3.55 -18.92
CA ASN C 53 10.31 -2.56 -19.84
C ASN C 53 11.39 -3.14 -20.78
N LYS C 54 12.31 -3.95 -20.25
CA LYS C 54 13.33 -4.54 -21.10
C LYS C 54 12.61 -5.33 -22.18
N ILE C 55 11.86 -6.33 -21.78
CA ILE C 55 11.14 -7.18 -22.71
C ILE C 55 10.24 -6.40 -23.65
N ALA C 56 9.46 -5.48 -23.09
CA ALA C 56 8.57 -4.65 -23.90
C ALA C 56 9.38 -3.96 -24.98
N GLU C 57 10.34 -3.16 -24.55
CA GLU C 57 11.22 -2.42 -25.44
C GLU C 57 11.68 -3.30 -26.61
N LYS C 58 12.38 -4.42 -26.32
CA LYS C 58 12.87 -5.32 -27.36
C LYS C 58 11.81 -5.91 -28.29
N HIS C 59 10.54 -5.61 -28.06
CA HIS C 59 9.48 -6.09 -28.92
C HIS C 59 8.79 -4.91 -29.60
N GLY C 60 9.47 -3.77 -29.60
CA GLY C 60 8.93 -2.58 -30.23
C GLY C 60 7.74 -1.97 -29.54
N TYR C 61 7.52 -2.28 -28.27
CA TYR C 61 6.40 -1.66 -27.57
C TYR C 61 6.82 -0.51 -26.68
N ILE C 62 5.95 0.48 -26.65
CA ILE C 62 6.14 1.65 -25.82
C ILE C 62 5.57 1.26 -24.47
N VAL C 63 6.32 1.59 -23.41
CA VAL C 63 5.88 1.31 -22.06
C VAL C 63 5.47 2.61 -21.38
N GLU C 64 4.23 2.71 -20.93
CA GLU C 64 3.79 3.91 -20.25
C GLU C 64 3.17 3.60 -18.92
N GLU C 65 3.64 4.29 -17.88
CA GLU C 65 3.11 4.10 -16.52
C GLU C 65 2.08 5.16 -16.23
N PRO C 66 1.25 4.96 -15.20
CA PRO C 66 0.29 6.06 -14.99
C PRO C 66 1.08 7.33 -14.59
N LYS C 67 0.60 8.49 -15.00
CA LYS C 67 1.24 9.73 -14.60
C LYS C 67 0.55 10.17 -13.30
N GLN C 68 -0.76 9.99 -13.24
CA GLN C 68 -1.56 10.33 -12.07
C GLN C 68 -1.57 9.08 -11.21
N GLN C 69 -1.90 9.22 -9.93
CA GLN C 69 -1.91 8.09 -9.01
C GLN C 69 -3.25 7.42 -9.09
N ASN C 70 -3.26 6.14 -8.73
CA ASN C 70 -4.48 5.35 -8.67
C ASN C 70 -5.18 5.20 -10.01
N HIS C 71 -4.39 5.05 -11.07
CA HIS C 71 -4.93 4.83 -12.41
C HIS C 71 -4.40 3.50 -12.83
N TYR C 72 -5.30 2.63 -13.25
CA TYR C 72 -4.94 1.31 -13.79
C TYR C 72 -4.45 1.68 -15.18
N PRO C 73 -3.44 0.96 -15.71
CA PRO C 73 -2.70 -0.15 -15.12
C PRO C 73 -1.29 0.26 -14.76
N ASP C 74 -0.57 -0.59 -14.04
CA ASP C 74 0.80 -0.26 -13.72
C ASP C 74 1.54 -0.01 -15.03
N PHE C 75 1.31 -0.89 -16.00
CA PHE C 75 1.97 -0.79 -17.30
C PHE C 75 1.07 -0.90 -18.51
N THR C 76 1.12 0.13 -19.34
CA THR C 76 0.37 0.17 -20.58
C THR C 76 1.39 -0.08 -21.70
N LEU C 77 1.17 -1.18 -22.44
CA LEU C 77 2.02 -1.54 -23.58
C LEU C 77 1.27 -1.43 -24.92
N TYR C 78 1.93 -0.86 -25.92
CA TYR C 78 1.39 -0.73 -27.29
C TYR C 78 2.44 -0.42 -28.34
N LYS C 79 2.33 -1.12 -29.49
CA LYS C 79 3.21 -0.88 -30.63
C LYS C 79 2.69 0.45 -31.14
N PRO C 80 3.59 1.38 -31.47
CA PRO C 80 3.15 2.70 -31.96
C PRO C 80 2.16 2.62 -33.15
N SER C 81 2.35 1.62 -34.00
CA SER C 81 1.49 1.38 -35.15
C SER C 81 0.12 0.83 -34.78
N GLU C 82 -0.02 0.41 -33.52
CA GLU C 82 -1.27 -0.15 -33.02
C GLU C 82 -1.84 0.58 -31.79
N PRO C 83 -2.20 1.87 -31.91
CA PRO C 83 -2.75 2.57 -30.76
C PRO C 83 -3.97 1.93 -30.09
N ASN C 84 -4.78 1.19 -30.85
CA ASN C 84 -5.96 0.57 -30.27
C ASN C 84 -5.78 -0.89 -29.91
N LYS C 85 -4.53 -1.30 -29.77
CA LYS C 85 -4.24 -2.67 -29.39
C LYS C 85 -3.33 -2.66 -28.14
N LYS C 86 -3.72 -1.87 -27.14
CA LYS C 86 -2.92 -1.77 -25.92
C LYS C 86 -3.02 -3.02 -25.04
N ILE C 87 -1.98 -3.27 -24.28
CA ILE C 87 -1.97 -4.40 -23.38
C ILE C 87 -1.73 -3.80 -22.01
N ALA C 88 -2.64 -4.05 -21.09
CA ALA C 88 -2.50 -3.58 -19.72
C ALA C 88 -1.86 -4.68 -18.87
N ILE C 89 -0.80 -4.34 -18.15
CA ILE C 89 -0.11 -5.25 -17.26
C ILE C 89 -0.17 -4.71 -15.80
N ASP C 90 -0.80 -5.50 -14.92
CA ASP C 90 -0.95 -5.15 -13.51
C ASP C 90 -0.29 -6.19 -12.63
N ILE C 91 0.50 -5.74 -11.67
CA ILE C 91 1.20 -6.63 -10.73
C ILE C 91 0.46 -6.75 -9.40
N LYS C 92 0.15 -7.98 -8.99
CA LYS C 92 -0.56 -8.23 -7.75
C LYS C 92 0.20 -9.26 -6.93
N THR C 93 0.09 -9.14 -5.62
CA THR C 93 0.82 -10.01 -4.70
C THR C 93 -0.09 -10.52 -3.61
N THR C 94 0.21 -11.71 -3.14
CA THR C 94 -0.54 -12.31 -2.07
C THR C 94 0.46 -13.19 -1.36
N TYR C 95 0.07 -13.73 -0.22
CA TYR C 95 1.01 -14.54 0.54
C TYR C 95 0.41 -15.87 0.85
N THR C 96 1.25 -16.72 1.38
CA THR C 96 0.88 -18.05 1.78
C THR C 96 1.53 -18.27 3.19
N ASN C 97 0.74 -18.81 4.12
CA ASN C 97 1.24 -19.06 5.45
C ASN C 97 2.22 -20.20 5.45
N LYS C 98 1.95 -21.20 4.62
CA LYS C 98 2.82 -22.36 4.49
C LYS C 98 3.10 -22.49 3.00
N GLU C 99 4.31 -22.86 2.63
CA GLU C 99 4.62 -23.02 1.22
C GLU C 99 3.72 -24.11 0.59
N ASN C 100 3.15 -23.79 -0.56
CA ASN C 100 2.29 -24.72 -1.31
C ASN C 100 0.83 -24.80 -0.89
N GLU C 101 0.23 -23.68 -0.52
CA GLU C 101 -1.18 -23.69 -0.16
C GLU C 101 -1.92 -22.75 -1.11
N LYS C 102 -3.23 -22.89 -1.14
CA LYS C 102 -4.08 -22.05 -1.99
C LYS C 102 -3.90 -20.55 -1.82
N ILE C 103 -4.00 -19.86 -2.94
CA ILE C 103 -3.85 -18.43 -2.98
C ILE C 103 -5.07 -17.80 -3.63
N LYS C 104 -5.12 -16.49 -3.62
CA LYS C 104 -6.25 -15.76 -4.17
C LYS C 104 -5.79 -14.31 -4.24
N PHE C 105 -6.21 -13.62 -5.29
CA PHE C 105 -5.82 -12.23 -5.54
C PHE C 105 -7.04 -11.38 -5.68
N THR C 106 -6.89 -10.10 -5.50
CA THR C 106 -8.01 -9.17 -5.68
C THR C 106 -7.64 -8.73 -7.11
N LEU C 107 -8.60 -8.60 -7.99
CA LEU C 107 -8.24 -8.29 -9.38
C LEU C 107 -8.57 -6.90 -9.86
N GLY C 108 -8.63 -5.96 -8.94
CA GLY C 108 -8.92 -4.59 -9.30
C GLY C 108 -10.37 -4.35 -9.15
N GLY C 109 -10.78 -3.10 -9.38
CA GLY C 109 -12.17 -2.72 -9.24
C GLY C 109 -13.16 -3.28 -10.25
N TYR C 110 -14.38 -3.52 -9.78
CA TYR C 110 -15.43 -4.02 -10.65
C TYR C 110 -16.47 -2.93 -10.83
N THR C 111 -16.21 -1.77 -10.23
CA THR C 111 -17.12 -0.66 -10.38
C THR C 111 -16.44 0.56 -10.94
N SER C 112 -15.17 0.42 -11.35
CA SER C 112 -14.46 1.55 -11.93
C SER C 112 -14.36 1.56 -13.48
N PHE C 113 -13.19 1.29 -14.03
CA PHE C 113 -12.99 1.32 -15.48
C PHE C 113 -13.76 0.29 -16.30
N ILE C 114 -14.07 -0.88 -15.72
CA ILE C 114 -14.83 -1.85 -16.45
C ILE C 114 -16.25 -1.34 -16.53
N ARG C 115 -16.60 -0.31 -15.75
CA ARG C 115 -17.96 0.20 -15.84
C ARG C 115 -17.95 1.57 -16.51
N ASN C 116 -16.80 2.22 -16.47
CA ASN C 116 -16.66 3.55 -17.04
C ASN C 116 -15.42 3.56 -17.91
N ASN C 117 -15.62 3.60 -19.23
CA ASN C 117 -14.55 3.53 -20.20
C ASN C 117 -13.36 4.43 -19.91
N THR C 118 -13.56 5.57 -19.26
CA THR C 118 -12.45 6.49 -18.95
C THR C 118 -12.09 6.65 -17.46
N LYS C 119 -12.81 5.95 -16.57
CA LYS C 119 -12.58 6.05 -15.12
C LYS C 119 -11.42 5.27 -14.49
N ASN C 120 -10.49 5.99 -13.87
CA ASN C 120 -9.32 5.40 -13.19
C ASN C 120 -8.46 4.59 -14.09
N ILE C 121 -8.20 5.09 -15.30
CA ILE C 121 -7.40 4.36 -16.27
C ILE C 121 -6.60 5.31 -17.15
N VAL C 122 -5.39 4.92 -17.51
CA VAL C 122 -4.53 5.74 -18.35
C VAL C 122 -5.06 6.03 -19.75
N TYR C 123 -5.68 5.02 -20.38
CA TYR C 123 -6.26 5.14 -21.72
C TYR C 123 -7.65 4.57 -21.65
N PRO C 124 -8.58 5.07 -22.46
CA PRO C 124 -9.93 4.52 -22.41
C PRO C 124 -9.84 2.99 -22.50
N PHE C 125 -10.63 2.29 -21.69
CA PHE C 125 -10.66 0.82 -21.62
C PHE C 125 -10.74 0.10 -23.00
N ASP C 126 -11.64 0.58 -23.87
CA ASP C 126 -11.76 -0.01 -25.20
C ASP C 126 -10.45 -0.02 -25.99
N GLN C 127 -9.44 0.71 -25.55
CA GLN C 127 -8.16 0.73 -26.22
C GLN C 127 -7.24 -0.41 -25.85
N TYR C 128 -7.66 -1.24 -24.90
CA TYR C 128 -6.84 -2.36 -24.45
C TYR C 128 -7.39 -3.65 -25.05
N ILE C 129 -6.51 -4.50 -25.55
CA ILE C 129 -6.92 -5.78 -26.12
C ILE C 129 -6.59 -6.91 -25.13
N ALA C 130 -5.66 -6.62 -24.24
CA ALA C 130 -5.23 -7.59 -23.25
C ALA C 130 -5.05 -6.92 -21.90
N HIS C 131 -5.32 -7.69 -20.85
CA HIS C 131 -5.20 -7.23 -19.48
C HIS C 131 -4.49 -8.34 -18.76
N TRP C 132 -3.17 -8.28 -18.71
CA TRP C 132 -2.38 -9.30 -18.03
C TRP C 132 -2.10 -9.02 -16.56
N ILE C 133 -2.04 -10.09 -15.79
CA ILE C 133 -1.73 -10.03 -14.35
C ILE C 133 -0.40 -10.76 -14.06
N ILE C 134 0.53 -10.06 -13.43
CA ILE C 134 1.80 -10.65 -12.99
C ILE C 134 1.54 -10.83 -11.48
N GLY C 135 1.31 -12.08 -11.09
CA GLY C 135 0.99 -12.43 -9.72
C GLY C 135 2.19 -13.01 -9.00
N TYR C 136 2.54 -12.38 -7.88
CA TYR C 136 3.65 -12.85 -7.08
C TYR C 136 3.04 -13.45 -5.84
N VAL C 137 3.63 -14.55 -5.39
CA VAL C 137 3.16 -15.22 -4.19
C VAL C 137 4.40 -15.49 -3.38
N TYR C 138 4.37 -15.10 -2.11
CA TYR C 138 5.51 -15.30 -1.22
C TYR C 138 4.99 -16.00 0.03
N THR C 139 5.84 -16.81 0.64
CA THR C 139 5.47 -17.48 1.89
C THR C 139 5.95 -16.58 3.03
N ARG C 140 5.05 -16.28 3.96
CA ARG C 140 5.41 -15.39 5.08
C ARG C 140 6.52 -15.95 5.94
N VAL C 141 7.35 -15.04 6.44
CA VAL C 141 8.46 -15.34 7.33
C VAL C 141 8.45 -14.32 8.47
N ALA C 142 8.31 -14.82 9.69
CA ALA C 142 8.28 -13.99 10.91
C ALA C 142 9.49 -13.05 10.94
N THR C 143 9.29 -11.83 11.38
CA THR C 143 10.40 -10.89 11.46
C THR C 143 11.35 -11.22 12.64
N ARG C 144 12.64 -11.08 12.40
CA ARG C 144 13.66 -11.34 13.40
C ARG C 144 14.24 -9.98 13.83
N LYS C 145 14.92 -9.96 14.97
CA LYS C 145 15.54 -8.75 15.52
C LYS C 145 16.54 -8.10 14.54
N SER C 146 17.21 -8.94 13.75
CA SER C 146 18.18 -8.43 12.78
C SER C 146 17.59 -7.44 11.77
N SER C 147 16.26 -7.44 11.61
CA SER C 147 15.60 -6.55 10.65
C SER C 147 15.60 -5.08 11.10
N LEU C 148 15.67 -4.86 12.41
CA LEU C 148 15.62 -3.52 12.99
C LEU C 148 16.94 -2.76 12.91
N LYS C 149 17.86 -3.21 12.06
CA LYS C 149 19.16 -2.57 11.91
C LYS C 149 19.39 -2.15 10.47
N THR C 150 20.28 -1.17 10.27
CA THR C 150 20.65 -0.69 8.95
C THR C 150 21.86 -1.55 8.57
N TYR C 151 22.16 -1.66 7.28
CA TYR C 151 23.27 -2.47 6.81
C TYR C 151 24.16 -1.76 5.81
N ASN C 152 25.31 -2.38 5.52
CA ASN C 152 26.28 -1.84 4.57
C ASN C 152 26.18 -2.66 3.31
N ILE C 153 26.66 -2.12 2.19
CA ILE C 153 26.64 -2.84 0.90
C ILE C 153 27.25 -4.24 0.92
N ASN C 154 28.34 -4.43 1.66
CA ASN C 154 28.91 -5.76 1.66
C ASN C 154 28.48 -6.68 2.79
N GLU C 155 27.26 -6.44 3.27
CA GLU C 155 26.64 -7.21 4.32
C GLU C 155 25.30 -7.68 3.80
N LEU C 156 25.10 -7.59 2.49
CA LEU C 156 23.85 -8.00 1.87
C LEU C 156 23.30 -9.35 2.34
N ASN C 157 24.11 -10.40 2.25
CA ASN C 157 23.62 -11.70 2.70
C ASN C 157 23.47 -11.83 4.20
N GLU C 158 23.92 -10.83 4.93
CA GLU C 158 23.75 -10.86 6.37
C GLU C 158 22.31 -10.37 6.58
N ILE C 159 21.80 -9.61 5.63
CA ILE C 159 20.43 -9.09 5.70
C ILE C 159 19.37 -10.21 5.52
N PRO C 160 18.47 -10.36 6.49
CA PRO C 160 17.38 -11.32 6.58
C PRO C 160 16.20 -11.00 5.63
N LYS C 161 15.69 -12.00 4.94
CA LYS C 161 14.57 -11.79 4.02
C LYS C 161 13.22 -12.05 4.68
N PRO C 162 12.25 -11.16 4.45
CA PRO C 162 10.94 -11.37 5.08
C PRO C 162 9.98 -12.33 4.34
N TYR C 163 10.55 -13.19 3.50
CA TYR C 163 9.76 -14.15 2.76
C TYR C 163 10.62 -15.35 2.46
N LYS C 164 9.96 -16.33 1.87
CA LYS C 164 10.54 -17.58 1.39
C LYS C 164 9.63 -17.98 0.21
N GLY C 165 10.20 -18.70 -0.75
CA GLY C 165 9.43 -19.20 -1.87
C GLY C 165 8.61 -18.29 -2.76
N VAL C 166 9.20 -17.21 -3.24
CA VAL C 166 8.48 -16.31 -4.15
C VAL C 166 8.40 -16.97 -5.53
N LYS C 167 7.16 -17.18 -5.99
CA LYS C 167 6.82 -17.77 -7.28
C LYS C 167 6.06 -16.69 -8.04
N VAL C 168 6.30 -16.57 -9.35
CA VAL C 168 5.63 -15.56 -10.16
C VAL C 168 4.95 -16.16 -11.39
N PHE C 169 3.91 -15.50 -11.88
CA PHE C 169 3.17 -15.92 -13.07
C PHE C 169 2.57 -14.76 -13.87
N LEU C 170 2.38 -14.95 -15.18
CA LEU C 170 1.72 -13.95 -15.99
C LEU C 170 0.54 -14.69 -16.56
N GLN C 171 -0.64 -14.10 -16.49
CA GLN C 171 -1.83 -14.74 -16.97
C GLN C 171 -2.84 -13.68 -17.32
N ASP C 172 -3.82 -14.04 -18.14
CA ASP C 172 -4.86 -13.12 -18.56
C ASP C 172 -5.80 -12.93 -17.40
N LYS C 173 -6.19 -11.69 -17.15
CA LYS C 173 -7.06 -11.34 -16.05
C LYS C 173 -8.38 -12.11 -16.10
N TRP C 174 -8.95 -12.25 -17.30
CA TRP C 174 -10.23 -12.95 -17.46
C TRP C 174 -10.13 -14.44 -17.23
N VAL C 175 -8.98 -15.01 -17.53
CA VAL C 175 -8.77 -16.44 -17.39
C VAL C 175 -8.57 -16.81 -15.91
N ILE C 176 -8.13 -15.86 -15.07
CA ILE C 176 -7.94 -16.15 -13.65
C ILE C 176 -8.98 -15.56 -12.73
N ALA C 177 -9.99 -14.94 -13.32
CA ALA C 177 -11.05 -14.35 -12.56
C ALA C 177 -12.00 -15.39 -11.99
N GLY C 178 -12.59 -15.05 -10.85
CA GLY C 178 -13.52 -15.95 -10.22
C GLY C 178 -14.83 -15.28 -10.22
N ASP C 179 -15.75 -15.80 -9.43
CA ASP C 179 -17.07 -15.23 -9.39
C ASP C 179 -17.42 -14.69 -8.02
N LEU C 180 -16.41 -14.54 -7.19
CA LEU C 180 -16.60 -14.06 -5.82
C LEU C 180 -15.81 -12.81 -5.60
N ALA C 181 -16.42 -11.85 -4.90
CA ALA C 181 -15.74 -10.56 -4.63
C ALA C 181 -14.39 -10.75 -3.94
N GLY C 182 -13.43 -9.95 -4.36
CA GLY C 182 -12.10 -9.98 -3.79
C GLY C 182 -12.04 -9.06 -2.56
N SER C 183 -12.85 -8.00 -2.57
CA SER C 183 -12.89 -7.09 -1.44
C SER C 183 -14.35 -6.67 -1.27
N GLY C 184 -14.71 -6.18 -0.06
CA GLY C 184 -16.07 -5.76 0.24
C GLY C 184 -16.28 -4.27 -0.04
N ASN C 185 -15.93 -3.41 0.91
CA ASN C 185 -16.08 -1.97 0.68
C ASN C 185 -15.30 -1.49 -0.53
N THR C 186 -14.18 -2.13 -0.82
CA THR C 186 -13.39 -1.70 -1.96
C THR C 186 -13.73 -2.39 -3.29
N THR C 187 -14.90 -3.01 -3.35
CA THR C 187 -15.45 -3.67 -4.54
C THR C 187 -14.46 -4.20 -5.60
N ASN C 188 -13.67 -5.18 -5.22
CA ASN C 188 -12.70 -5.77 -6.14
C ASN C 188 -13.23 -7.11 -6.66
N ILE C 189 -12.76 -7.45 -7.84
CA ILE C 189 -13.09 -8.69 -8.50
C ILE C 189 -12.22 -9.69 -7.77
N GLY C 190 -12.76 -10.85 -7.46
CA GLY C 190 -11.93 -11.84 -6.83
C GLY C 190 -11.42 -12.80 -7.87
N SER C 191 -10.20 -13.30 -7.70
CA SER C 191 -9.68 -14.29 -8.62
C SER C 191 -10.25 -15.64 -8.17
N ILE C 192 -9.78 -16.71 -8.81
CA ILE C 192 -10.19 -18.07 -8.48
C ILE C 192 -9.40 -18.42 -7.20
N HIS C 193 -9.92 -19.30 -6.35
CA HIS C 193 -9.20 -19.66 -5.14
C HIS C 193 -8.55 -20.97 -5.50
N ALA C 194 -7.26 -20.94 -5.80
CA ALA C 194 -6.58 -22.15 -6.25
C ALA C 194 -5.09 -22.09 -5.94
N HIS C 195 -4.38 -23.18 -6.26
CA HIS C 195 -2.94 -23.23 -6.04
C HIS C 195 -2.19 -22.53 -7.20
N TYR C 196 -0.95 -22.13 -6.93
CA TYR C 196 -0.14 -21.44 -7.92
C TYR C 196 -0.24 -21.95 -9.38
N LYS C 197 -0.21 -23.27 -9.56
CA LYS C 197 -0.23 -23.89 -10.89
C LYS C 197 -1.50 -23.65 -11.70
N ASP C 198 -2.61 -23.49 -11.02
CA ASP C 198 -3.86 -23.26 -11.72
C ASP C 198 -3.83 -21.84 -12.32
N PHE C 199 -3.07 -20.95 -11.69
CA PHE C 199 -2.92 -19.60 -12.20
C PHE C 199 -2.00 -19.63 -13.43
N VAL C 200 -0.96 -20.44 -13.39
CA VAL C 200 -0.02 -20.58 -14.50
C VAL C 200 -0.73 -21.21 -15.69
N GLU C 201 -1.37 -22.35 -15.44
CA GLU C 201 -2.09 -23.09 -16.45
C GLU C 201 -3.42 -22.46 -16.89
N GLY C 202 -3.78 -21.35 -16.27
CA GLY C 202 -5.01 -20.68 -16.63
C GLY C 202 -6.27 -21.49 -16.45
N LYS C 203 -6.49 -22.02 -15.26
CA LYS C 203 -7.68 -22.80 -14.94
C LYS C 203 -8.85 -21.89 -14.54
N GLY C 204 -9.34 -21.09 -15.47
CA GLY C 204 -10.43 -20.19 -15.18
C GLY C 204 -11.78 -20.87 -15.18
N ILE C 205 -12.82 -20.07 -15.01
CA ILE C 205 -14.18 -20.55 -14.96
C ILE C 205 -15.06 -19.79 -15.94
N PHE C 206 -14.54 -18.74 -16.57
CA PHE C 206 -15.41 -18.00 -17.51
C PHE C 206 -15.07 -18.54 -18.89
N ASP C 207 -16.06 -18.58 -19.77
CA ASP C 207 -15.87 -19.07 -21.13
C ASP C 207 -15.13 -18.14 -22.08
N SER C 208 -15.20 -16.85 -21.80
CA SER C 208 -14.51 -15.85 -22.60
C SER C 208 -14.29 -14.57 -21.77
N GLU C 209 -13.48 -13.66 -22.31
CA GLU C 209 -13.20 -12.40 -21.67
C GLU C 209 -14.46 -11.59 -21.58
N ASP C 210 -15.37 -11.77 -22.52
CA ASP C 210 -16.61 -11.02 -22.50
C ASP C 210 -17.55 -11.44 -21.41
N GLU C 211 -17.52 -12.75 -21.09
CA GLU C 211 -18.40 -13.29 -20.05
C GLU C 211 -17.85 -12.70 -18.73
N PHE C 212 -16.51 -12.75 -18.56
CA PHE C 212 -15.85 -12.19 -17.40
C PHE C 212 -16.37 -10.76 -17.16
N LEU C 213 -16.11 -9.89 -18.12
CA LEU C 213 -16.53 -8.50 -18.07
C LEU C 213 -18.01 -8.33 -17.77
N ASP C 214 -18.86 -9.16 -18.37
CA ASP C 214 -20.27 -8.98 -18.11
C ASP C 214 -20.72 -9.36 -16.74
N TYR C 215 -20.14 -10.44 -16.21
CA TYR C 215 -20.49 -10.94 -14.89
C TYR C 215 -20.14 -9.83 -13.92
N TRP C 216 -18.92 -9.30 -14.05
CA TRP C 216 -18.47 -8.26 -13.17
C TRP C 216 -19.14 -6.89 -13.32
N ARG C 217 -19.64 -6.63 -14.52
CA ARG C 217 -20.31 -5.36 -14.80
C ARG C 217 -21.68 -5.35 -14.18
N ASN C 218 -22.23 -6.52 -13.95
CA ASN C 218 -23.56 -6.62 -13.36
C ASN C 218 -23.59 -7.22 -11.95
N TYR C 219 -22.42 -7.34 -11.33
CA TYR C 219 -22.31 -7.86 -9.98
C TYR C 219 -22.78 -6.74 -9.02
N GLU C 220 -23.74 -7.06 -8.16
CA GLU C 220 -24.25 -6.12 -7.16
C GLU C 220 -23.27 -6.06 -5.98
N ARG C 221 -23.10 -4.88 -5.40
CA ARG C 221 -22.11 -4.66 -4.31
C ARG C 221 -22.31 -5.37 -2.98
N THR C 222 -23.53 -5.79 -2.70
CA THR C 222 -23.78 -6.43 -1.44
C THR C 222 -24.52 -7.75 -1.64
N SER C 223 -24.39 -8.67 -0.71
CA SER C 223 -25.02 -9.99 -0.87
C SER C 223 -26.55 -9.95 -0.96
N GLN C 224 -27.14 -8.98 -0.27
CA GLN C 224 -28.58 -8.79 -0.30
C GLN C 224 -29.02 -8.53 -1.73
N LEU C 225 -28.32 -7.66 -2.42
CA LEU C 225 -28.66 -7.36 -3.81
C LEU C 225 -28.28 -8.51 -4.77
N ARG C 226 -27.18 -9.20 -4.47
CA ARG C 226 -26.77 -10.30 -5.34
C ARG C 226 -27.64 -11.55 -5.21
N ASN C 227 -28.21 -11.76 -4.03
CA ASN C 227 -29.01 -12.95 -3.80
C ASN C 227 -30.38 -12.90 -4.52
N ASP C 228 -30.69 -11.74 -5.10
CA ASP C 228 -31.93 -11.58 -5.85
C ASP C 228 -31.57 -11.37 -7.33
N LYS C 229 -30.33 -11.70 -7.68
CA LYS C 229 -29.83 -11.59 -9.03
C LYS C 229 -28.89 -12.79 -9.20
N TYR C 230 -27.63 -12.65 -8.85
CA TYR C 230 -26.72 -13.79 -8.95
C TYR C 230 -25.53 -13.59 -8.05
N ASN C 231 -24.93 -14.70 -7.65
CA ASN C 231 -23.79 -14.65 -6.74
C ASN C 231 -22.63 -15.53 -7.17
N ASN C 232 -22.83 -16.33 -8.19
CA ASN C 232 -21.77 -17.18 -8.67
C ASN C 232 -22.01 -17.34 -10.16
N ILE C 233 -21.05 -17.94 -10.86
CA ILE C 233 -21.14 -18.16 -12.29
C ILE C 233 -22.36 -18.94 -12.79
N SER C 234 -22.86 -19.86 -11.96
CA SER C 234 -24.03 -20.65 -12.31
C SER C 234 -25.29 -19.81 -12.33
N GLU C 235 -25.42 -18.96 -11.33
CA GLU C 235 -26.59 -18.13 -11.23
C GLU C 235 -26.53 -17.01 -12.24
N TYR C 236 -25.33 -16.63 -12.65
CA TYR C 236 -25.21 -15.58 -13.65
C TYR C 236 -25.78 -16.13 -14.96
N ARG C 237 -25.29 -17.29 -15.37
CA ARG C 237 -25.73 -17.96 -16.58
C ARG C 237 -27.22 -18.15 -16.65
N ASN C 238 -27.81 -18.52 -15.52
CA ASN C 238 -29.25 -18.73 -15.45
C ASN C 238 -29.95 -17.39 -15.53
N TRP C 239 -29.26 -16.34 -15.12
CA TRP C 239 -29.82 -14.98 -15.11
C TRP C 239 -29.78 -14.44 -16.55
N ILE C 240 -28.72 -14.79 -17.27
CA ILE C 240 -28.55 -14.44 -18.66
C ILE C 240 -29.71 -15.17 -19.36
N TYR C 241 -29.82 -16.47 -19.11
CA TYR C 241 -30.87 -17.32 -19.68
C TYR C 241 -32.27 -16.80 -19.43
N ARG C 242 -32.60 -16.56 -18.18
CA ARG C 242 -33.91 -16.03 -17.84
C ARG C 242 -34.18 -14.63 -18.39
N GLY C 243 -33.29 -14.13 -19.25
CA GLY C 243 -33.48 -12.84 -19.88
C GLY C 243 -32.86 -11.60 -19.27
N ARG C 244 -31.90 -11.78 -18.35
CA ARG C 244 -31.18 -10.73 -17.60
C ARG C 244 -32.11 -9.91 -16.75
N LYS C 245 -32.93 -10.62 -15.97
CA LYS C 245 -33.89 -9.98 -15.10
N SER D 2 14.37 13.46 26.02
CA SER D 2 13.29 12.48 26.22
C SER D 2 13.42 11.53 25.07
N LEU D 3 12.74 10.39 25.15
CA LEU D 3 12.74 9.43 24.06
C LEU D 3 12.34 10.20 22.79
N ARG D 4 11.28 10.98 22.94
CA ARG D 4 10.69 11.79 21.89
C ARG D 4 11.54 12.84 21.23
N SER D 5 12.29 13.63 22.00
CA SER D 5 13.11 14.66 21.38
C SER D 5 14.29 13.98 20.70
N ASP D 6 14.70 12.86 21.26
CA ASP D 6 15.79 12.11 20.68
C ASP D 6 15.30 11.39 19.41
N LEU D 7 14.04 10.98 19.42
CA LEU D 7 13.44 10.31 18.27
C LEU D 7 13.35 11.35 17.14
N ILE D 8 12.66 12.47 17.40
CA ILE D 8 12.51 13.54 16.42
C ILE D 8 13.86 14.00 15.81
N ASN D 9 14.86 14.19 16.66
CA ASN D 9 16.16 14.64 16.18
C ASN D 9 16.81 13.60 15.29
N ALA D 10 16.76 12.36 15.74
CA ALA D 10 17.35 11.23 15.03
C ALA D 10 16.68 11.05 13.68
N LEU D 11 15.37 11.29 13.65
CA LEU D 11 14.57 11.19 12.43
C LEU D 11 15.08 12.31 11.49
N TYR D 12 15.05 13.54 11.99
CA TYR D 12 15.52 14.68 11.22
C TYR D 12 16.88 14.37 10.60
N ASP D 13 17.83 13.99 11.43
CA ASP D 13 19.16 13.73 10.94
C ASP D 13 19.31 12.59 9.93
N GLU D 14 18.54 11.51 10.08
CA GLU D 14 18.69 10.41 9.11
C GLU D 14 18.17 10.90 7.78
N ASN D 15 17.01 11.49 7.81
CA ASN D 15 16.41 12.02 6.60
C ASN D 15 17.31 13.04 5.95
N GLN D 16 18.16 13.68 6.73
CA GLN D 16 19.04 14.69 6.19
C GLN D 16 20.30 14.10 5.56
N LYS D 17 20.77 12.99 6.11
CA LYS D 17 21.98 12.38 5.60
C LYS D 17 21.74 11.29 4.56
N TYR D 18 20.50 10.86 4.41
CA TYR D 18 20.21 9.81 3.46
C TYR D 18 19.02 10.04 2.53
N ASP D 19 19.18 9.61 1.29
CA ASP D 19 18.14 9.68 0.28
C ASP D 19 17.95 8.24 -0.19
N VAL D 20 16.77 7.68 0.08
CA VAL D 20 16.46 6.33 -0.38
C VAL D 20 16.37 6.42 -1.92
N CYS D 21 16.99 5.49 -2.64
CA CYS D 21 16.95 5.57 -4.09
C CYS D 21 16.56 4.27 -4.77
N GLY D 22 16.29 3.23 -3.99
CA GLY D 22 15.89 2.01 -4.61
C GLY D 22 15.88 0.80 -3.71
N ILE D 23 15.49 -0.32 -4.29
CA ILE D 23 15.47 -1.55 -3.55
C ILE D 23 16.72 -2.31 -4.00
N ILE D 24 17.28 -3.08 -3.09
CA ILE D 24 18.49 -3.83 -3.38
C ILE D 24 18.19 -5.30 -3.16
N SER D 25 18.80 -6.13 -3.99
CA SER D 25 18.64 -7.58 -3.91
C SER D 25 19.94 -8.07 -3.24
N ALA D 26 19.89 -9.24 -2.62
CA ALA D 26 21.09 -9.77 -1.96
C ALA D 26 22.27 -9.85 -2.95
N GLU D 27 21.96 -10.11 -4.22
CA GLU D 27 22.98 -10.22 -5.25
C GLU D 27 23.50 -8.88 -5.76
N GLY D 28 23.07 -7.78 -5.14
CA GLY D 28 23.55 -6.46 -5.54
C GLY D 28 22.89 -5.68 -6.66
N LYS D 29 21.84 -6.23 -7.28
CA LYS D 29 21.15 -5.53 -8.37
C LYS D 29 20.14 -4.55 -7.79
N ILE D 30 20.04 -3.36 -8.40
CA ILE D 30 19.12 -2.32 -7.94
C ILE D 30 17.97 -1.87 -8.86
N TYR D 31 16.77 -1.97 -8.33
CA TYR D 31 15.57 -1.56 -9.02
C TYR D 31 15.19 -0.24 -8.35
N PRO D 32 15.14 0.88 -9.14
CA PRO D 32 14.78 2.19 -8.58
C PRO D 32 13.34 2.29 -8.14
N LEU D 33 13.03 3.39 -7.45
CA LEU D 33 11.70 3.65 -6.91
C LEU D 33 10.70 4.35 -7.82
N GLY D 34 9.42 4.12 -7.56
CA GLY D 34 8.35 4.77 -8.30
C GLY D 34 8.04 6.10 -7.63
N SER D 35 7.18 6.89 -8.25
CA SER D 35 6.86 8.21 -7.73
C SER D 35 5.57 8.41 -6.93
N ASP D 36 4.81 7.34 -6.70
CA ASP D 36 3.56 7.48 -5.96
C ASP D 36 3.76 7.22 -4.48
N THR D 37 2.71 7.46 -3.70
CA THR D 37 2.78 7.28 -2.26
C THR D 37 2.71 5.81 -1.84
N LYS D 38 2.17 4.92 -2.68
CA LYS D 38 2.09 3.52 -2.30
C LYS D 38 3.50 2.94 -2.23
N VAL D 39 4.43 3.64 -2.86
CA VAL D 39 5.81 3.23 -2.88
C VAL D 39 6.54 3.95 -1.76
N LEU D 40 6.47 5.27 -1.77
CA LEU D 40 7.16 6.09 -0.79
C LEU D 40 6.69 5.89 0.65
N SER D 41 5.41 5.62 0.84
CA SER D 41 4.93 5.39 2.18
C SER D 41 5.66 4.13 2.68
N THR D 42 5.62 3.07 1.89
CA THR D 42 6.32 1.84 2.23
C THR D 42 7.81 2.14 2.44
N ILE D 43 8.37 3.01 1.59
CA ILE D 43 9.79 3.33 1.68
C ILE D 43 10.15 4.16 2.92
N PHE D 44 9.31 5.12 3.27
CA PHE D 44 9.61 5.97 4.40
C PHE D 44 9.40 5.17 5.68
N GLU D 45 8.47 4.23 5.57
CA GLU D 45 8.10 3.32 6.63
C GLU D 45 9.28 2.43 7.04
N LEU D 46 9.93 1.82 6.05
CA LEU D 46 11.07 0.98 6.33
C LEU D 46 12.29 1.78 6.80
N PHE D 47 12.47 2.98 6.23
CA PHE D 47 13.56 3.91 6.51
C PHE D 47 13.58 4.18 8.02
N SER D 48 12.38 4.44 8.54
CA SER D 48 12.10 4.74 9.95
C SER D 48 12.30 3.60 10.94
N ARG D 49 12.05 2.38 10.49
CA ARG D 49 12.17 1.22 11.36
C ARG D 49 13.41 1.19 12.26
N PRO D 50 14.63 1.16 11.68
CA PRO D 50 15.89 1.11 12.42
C PRO D 50 16.28 2.35 13.23
N ILE D 51 15.64 3.48 12.97
CA ILE D 51 15.92 4.69 13.72
C ILE D 51 15.14 4.61 15.02
N ILE D 52 13.86 4.28 14.88
CA ILE D 52 12.94 4.15 15.98
C ILE D 52 13.45 3.11 16.93
N ASN D 53 13.89 1.99 16.37
CA ASN D 53 14.39 0.92 17.19
C ASN D 53 15.60 1.42 18.01
N LYS D 54 16.60 1.97 17.33
CA LYS D 54 17.78 2.49 17.99
C LYS D 54 17.42 3.43 19.14
N ILE D 55 16.66 4.48 18.87
CA ILE D 55 16.33 5.40 19.95
C ILE D 55 15.58 4.75 21.10
N ALA D 56 14.70 3.81 20.80
CA ALA D 56 13.93 3.15 21.83
C ALA D 56 14.84 2.30 22.72
N GLU D 57 15.80 1.61 22.12
CA GLU D 57 16.71 0.79 22.89
C GLU D 57 17.67 1.65 23.72
N LYS D 58 18.16 2.74 23.14
CA LYS D 58 19.03 3.62 23.88
C LYS D 58 18.26 4.02 25.13
N HIS D 59 16.96 4.25 24.98
CA HIS D 59 16.11 4.65 26.09
C HIS D 59 15.48 3.50 26.87
N GLY D 60 16.00 2.30 26.68
CA GLY D 60 15.45 1.17 27.39
C GLY D 60 13.98 0.93 27.16
N TYR D 61 13.61 0.74 25.90
CA TYR D 61 12.22 0.46 25.56
C TYR D 61 12.25 -0.74 24.63
N ILE D 62 11.34 -1.67 24.87
CA ILE D 62 11.21 -2.82 24.03
C ILE D 62 10.39 -2.29 22.85
N VAL D 63 10.76 -2.72 21.64
CA VAL D 63 10.04 -2.32 20.44
C VAL D 63 9.30 -3.49 19.83
N GLU D 64 8.02 -3.31 19.54
CA GLU D 64 7.23 -4.38 18.93
C GLU D 64 6.42 -3.98 17.70
N GLU D 65 6.64 -4.70 16.62
CA GLU D 65 5.90 -4.49 15.39
C GLU D 65 4.79 -5.53 15.40
N PRO D 66 3.76 -5.35 14.58
CA PRO D 66 2.68 -6.36 14.58
C PRO D 66 3.14 -7.72 14.01
N LYS D 67 2.65 -8.82 14.55
CA LYS D 67 3.00 -10.15 13.99
C LYS D 67 1.99 -10.31 12.85
N GLN D 68 0.81 -9.83 13.19
CA GLN D 68 -0.41 -9.83 12.42
C GLN D 68 -0.34 -8.67 11.41
N GLN D 69 -1.06 -8.77 10.29
CA GLN D 69 -0.97 -7.76 9.22
C GLN D 69 -1.63 -6.41 9.27
N ASN D 70 -2.88 -6.35 9.68
CA ASN D 70 -3.46 -5.03 9.69
C ASN D 70 -3.84 -4.73 11.13
N HIS D 71 -2.77 -4.68 11.93
CA HIS D 71 -2.84 -4.42 13.35
C HIS D 71 -1.99 -3.22 13.65
N TYR D 72 -2.65 -2.15 14.09
CA TYR D 72 -2.02 -0.89 14.52
C TYR D 72 -1.32 -1.30 15.82
N PRO D 73 -0.20 -0.68 16.18
CA PRO D 73 0.51 0.39 15.47
C PRO D 73 1.73 -0.18 14.77
N ASP D 74 2.43 0.64 14.00
CA ASP D 74 3.62 0.15 13.33
C ASP D 74 4.59 -0.34 14.37
N PHE D 75 4.68 0.41 15.45
CA PHE D 75 5.59 0.12 16.56
C PHE D 75 4.97 0.35 17.93
N THR D 76 5.13 -0.64 18.78
CA THR D 76 4.66 -0.57 20.13
C THR D 76 5.95 -0.53 20.96
N LEU D 77 6.16 0.60 21.62
CA LEU D 77 7.34 0.79 22.46
C LEU D 77 6.85 0.73 23.89
N TYR D 78 7.66 0.12 24.75
CA TYR D 78 7.31 0.06 26.18
C TYR D 78 8.45 -0.37 27.07
N LYS D 79 8.53 0.30 28.22
CA LYS D 79 9.51 -0.01 29.24
C LYS D 79 8.96 -1.23 29.92
N PRO D 80 9.82 -2.23 30.14
CA PRO D 80 9.43 -3.50 30.80
C PRO D 80 8.71 -3.19 32.11
N SER D 81 9.29 -2.26 32.85
CA SER D 81 8.78 -1.81 34.12
C SER D 81 7.40 -1.18 34.01
N GLU D 82 7.11 -0.57 32.86
CA GLU D 82 5.82 0.08 32.66
C GLU D 82 5.00 -0.54 31.51
N PRO D 83 4.37 -1.71 31.74
CA PRO D 83 3.56 -2.40 30.72
C PRO D 83 2.26 -1.68 30.31
N ASN D 84 1.74 -0.82 31.17
CA ASN D 84 0.49 -0.15 30.87
C ASN D 84 0.70 1.28 30.43
N LYS D 85 1.94 1.62 30.17
CA LYS D 85 2.31 2.94 29.70
C LYS D 85 3.03 2.76 28.34
N LYS D 86 2.38 2.02 27.44
CA LYS D 86 2.93 1.74 26.13
C LYS D 86 2.70 2.94 25.21
N ILE D 87 3.60 3.11 24.25
CA ILE D 87 3.48 4.19 23.29
C ILE D 87 3.32 3.58 21.89
N ALA D 88 2.33 4.07 21.16
CA ALA D 88 2.06 3.61 19.81
C ALA D 88 2.71 4.57 18.85
N ILE D 89 3.44 4.05 17.85
CA ILE D 89 4.08 4.87 16.83
C ILE D 89 3.64 4.42 15.41
N ASP D 90 3.10 5.36 14.63
CA ASP D 90 2.67 5.11 13.24
C ASP D 90 3.32 6.03 12.24
N ILE D 91 3.78 5.45 11.13
CA ILE D 91 4.38 6.20 10.05
C ILE D 91 3.31 6.45 8.99
N LYS D 92 3.20 7.71 8.58
CA LYS D 92 2.24 8.12 7.58
C LYS D 92 2.91 9.08 6.60
N THR D 93 2.47 9.00 5.35
CA THR D 93 3.06 9.78 4.28
C THR D 93 2.02 10.44 3.42
N THR D 94 2.38 11.60 2.90
CA THR D 94 1.51 12.35 2.04
C THR D 94 2.45 13.10 1.09
N TYR D 95 1.89 13.73 0.07
CA TYR D 95 2.72 14.43 -0.91
C TYR D 95 2.23 15.84 -1.17
N THR D 96 3.06 16.59 -1.88
CA THR D 96 2.74 17.94 -2.34
C THR D 96 3.16 18.06 -3.81
N ASN D 97 2.29 18.66 -4.62
CA ASN D 97 2.62 18.87 -6.02
C ASN D 97 3.68 19.96 -6.06
N LYS D 98 3.59 20.89 -5.12
CA LYS D 98 4.57 21.97 -5.03
C LYS D 98 5.48 21.59 -3.86
N GLU D 99 6.42 22.47 -3.49
CA GLU D 99 7.33 22.17 -2.38
C GLU D 99 6.85 22.55 -0.99
N ASN D 100 6.05 23.60 -0.86
CA ASN D 100 5.59 23.97 0.47
C ASN D 100 4.10 24.25 0.49
N GLU D 101 3.30 23.26 0.15
CA GLU D 101 1.86 23.45 0.12
C GLU D 101 1.16 22.76 1.30
N LYS D 102 -0.13 23.04 1.47
CA LYS D 102 -0.86 22.44 2.54
C LYS D 102 -0.93 20.95 2.32
N ILE D 103 -0.95 20.21 3.41
CA ILE D 103 -0.99 18.76 3.41
C ILE D 103 -2.04 18.28 4.42
N LYS D 104 -2.39 17.01 4.31
CA LYS D 104 -3.33 16.38 5.24
C LYS D 104 -3.00 14.91 5.25
N PHE D 105 -3.27 14.27 6.37
CA PHE D 105 -2.95 12.87 6.53
C PHE D 105 -4.19 12.14 6.92
N THR D 106 -4.16 10.84 6.71
CA THR D 106 -5.28 9.99 7.14
C THR D 106 -4.64 9.47 8.45
N LEU D 107 -5.40 9.59 9.53
CA LEU D 107 -4.88 9.20 10.85
C LEU D 107 -5.37 7.86 11.40
N GLY D 108 -5.81 6.98 10.50
CA GLY D 108 -6.25 5.64 10.89
C GLY D 108 -7.72 5.56 11.08
N GLY D 109 -8.24 4.35 11.22
CA GLY D 109 -9.67 4.22 11.39
C GLY D 109 -10.29 4.86 12.64
N TYR D 110 -11.57 5.20 12.56
CA TYR D 110 -12.32 5.76 13.67
C TYR D 110 -13.38 4.75 14.09
N THR D 111 -13.30 3.55 13.54
CA THR D 111 -14.27 2.51 13.86
C THR D 111 -13.59 1.21 14.35
N SER D 112 -12.27 1.20 14.44
CA SER D 112 -11.59 0.00 14.91
C SER D 112 -11.18 0.06 16.42
N PHE D 113 -9.87 0.07 16.72
CA PHE D 113 -9.37 0.12 18.09
C PHE D 113 -9.88 1.30 18.96
N ILE D 114 -10.24 2.42 18.34
CA ILE D 114 -10.74 3.51 19.14
C ILE D 114 -12.19 3.23 19.49
N ARG D 115 -12.76 2.17 18.91
CA ARG D 115 -14.14 1.85 19.24
C ARG D 115 -14.25 0.52 19.94
N ASN D 116 -13.25 -0.35 19.75
CA ASN D 116 -13.21 -1.66 20.38
C ASN D 116 -11.79 -1.83 20.86
N ASN D 117 -11.62 -1.75 22.17
CA ASN D 117 -10.34 -1.84 22.84
C ASN D 117 -9.36 -2.84 22.22
N THR D 118 -9.82 -3.97 21.70
CA THR D 118 -8.91 -4.98 21.13
C THR D 118 -8.93 -5.25 19.62
N LYS D 119 -9.67 -4.45 18.85
CA LYS D 119 -9.78 -4.61 17.42
C LYS D 119 -8.63 -4.01 16.60
N ASN D 120 -7.93 -4.82 15.82
CA ASN D 120 -6.82 -4.37 14.94
C ASN D 120 -5.68 -3.71 15.65
N ILE D 121 -5.35 -4.19 16.85
CA ILE D 121 -4.31 -3.55 17.62
C ILE D 121 -3.47 -4.58 18.36
N VAL D 122 -2.16 -4.41 18.33
CA VAL D 122 -1.23 -5.33 18.96
C VAL D 122 -1.47 -5.60 20.45
N TYR D 123 -1.98 -4.59 21.14
CA TYR D 123 -2.24 -4.62 22.58
C TYR D 123 -3.55 -3.88 22.76
N PRO D 124 -4.28 -4.18 23.84
CA PRO D 124 -5.53 -3.45 24.00
C PRO D 124 -5.21 -1.95 24.02
N PHE D 125 -6.10 -1.17 23.42
CA PHE D 125 -5.94 0.28 23.28
C PHE D 125 -5.70 0.99 24.62
N ASP D 126 -6.25 0.47 25.71
CA ASP D 126 -6.05 1.09 27.03
C ASP D 126 -4.67 0.89 27.65
N GLN D 127 -3.76 0.25 26.94
CA GLN D 127 -2.40 0.06 27.46
C GLN D 127 -1.48 1.08 26.82
N TYR D 128 -2.02 1.87 25.90
CA TYR D 128 -1.23 2.90 25.23
C TYR D 128 -1.52 4.24 25.91
N ILE D 129 -0.47 4.91 26.36
CA ILE D 129 -0.65 6.20 27.01
C ILE D 129 -0.28 7.33 26.06
N ALA D 130 0.26 6.97 24.89
CA ALA D 130 0.65 7.92 23.86
C ALA D 130 0.52 7.27 22.49
N HIS D 131 0.11 8.07 21.51
CA HIS D 131 -0.03 7.67 20.09
C HIS D 131 0.67 8.66 19.21
N TRP D 132 1.88 8.33 18.80
CA TRP D 132 2.66 9.17 17.93
C TRP D 132 2.53 8.91 16.39
N ILE D 133 2.70 9.99 15.63
CA ILE D 133 2.68 9.94 14.18
C ILE D 133 3.99 10.47 13.62
N ILE D 134 4.68 9.64 12.86
CA ILE D 134 5.91 10.04 12.20
C ILE D 134 5.43 10.32 10.78
N GLY D 135 5.30 11.60 10.48
CA GLY D 135 4.80 12.04 9.20
C GLY D 135 5.86 12.45 8.20
N TYR D 136 5.74 11.90 6.98
CA TYR D 136 6.63 12.22 5.89
C TYR D 136 5.89 12.93 4.77
N VAL D 137 6.49 14.00 4.27
CA VAL D 137 5.93 14.74 3.14
C VAL D 137 6.99 14.89 2.07
N TYR D 138 6.61 14.61 0.83
CA TYR D 138 7.51 14.72 -0.32
C TYR D 138 6.78 15.46 -1.45
N THR D 139 7.56 16.13 -2.30
CA THR D 139 6.99 16.80 -3.49
C THR D 139 7.13 15.74 -4.58
N ARG D 140 6.07 15.49 -5.33
CA ARG D 140 6.13 14.48 -6.41
C ARG D 140 6.97 14.99 -7.55
N VAL D 141 7.85 14.14 -8.10
CA VAL D 141 8.65 14.48 -9.29
C VAL D 141 8.41 13.35 -10.29
N ALA D 142 8.34 13.68 -11.57
CA ALA D 142 8.15 12.65 -12.59
C ALA D 142 9.47 12.42 -13.29
N THR D 143 9.65 11.22 -13.83
CA THR D 143 10.84 10.86 -14.60
C THR D 143 10.65 9.51 -15.23
N ARG D 144 11.74 8.96 -15.79
CA ARG D 144 11.77 7.66 -16.46
C ARG D 144 13.01 7.59 -17.35
N LYS D 145 13.65 8.73 -17.54
CA LYS D 145 14.87 8.79 -18.36
C LYS D 145 15.99 7.91 -17.76
N SER D 146 15.67 7.12 -16.74
CA SER D 146 16.63 6.25 -16.07
C SER D 146 15.99 5.40 -14.97
N SER D 147 14.68 5.50 -14.80
CA SER D 147 14.00 4.75 -13.75
C SER D 147 13.64 3.32 -14.15
N LEU D 148 13.51 3.06 -15.44
CA LEU D 148 13.13 1.74 -15.93
C LEU D 148 14.27 0.80 -16.17
N LYS D 149 15.46 1.19 -15.73
CA LYS D 149 16.64 0.36 -15.88
C LYS D 149 16.98 -0.11 -14.48
N THR D 150 17.91 -1.05 -14.37
CA THR D 150 18.31 -1.56 -13.07
C THR D 150 19.77 -1.10 -12.92
N TYR D 151 20.16 -0.73 -11.71
CA TYR D 151 21.52 -0.31 -11.50
C TYR D 151 22.32 -1.28 -10.65
N ASN D 152 23.63 -1.07 -10.61
CA ASN D 152 24.50 -1.90 -9.79
C ASN D 152 24.95 -0.97 -8.67
N ILE D 153 25.55 -1.52 -7.64
CA ILE D 153 26.00 -0.73 -6.48
C ILE D 153 26.95 0.41 -6.80
N ASN D 154 27.85 0.26 -7.76
CA ASN D 154 28.74 1.36 -8.10
C ASN D 154 28.00 2.37 -8.97
N GLU D 155 26.69 2.20 -9.10
CA GLU D 155 25.86 3.08 -9.91
C GLU D 155 24.75 3.81 -9.12
N LEU D 156 24.75 3.70 -7.80
CA LEU D 156 23.74 4.37 -6.96
C LEU D 156 23.56 5.83 -7.35
N ASN D 157 24.65 6.40 -7.84
CA ASN D 157 24.74 7.79 -8.24
C ASN D 157 23.90 8.12 -9.48
N GLU D 158 23.70 7.16 -10.36
CA GLU D 158 22.93 7.43 -11.56
C GLU D 158 21.42 7.35 -11.32
N ILE D 159 21.03 6.61 -10.30
CA ILE D 159 19.61 6.42 -10.01
C ILE D 159 18.84 7.72 -9.77
N PRO D 160 17.65 7.84 -10.36
CA PRO D 160 16.86 9.06 -10.17
C PRO D 160 15.93 8.87 -8.95
N LYS D 161 15.91 9.85 -8.04
CA LYS D 161 15.06 9.78 -6.86
C LYS D 161 13.69 10.43 -7.16
N PRO D 162 12.62 9.62 -7.16
CA PRO D 162 11.21 9.93 -7.41
C PRO D 162 10.53 11.00 -6.55
N TYR D 163 11.32 11.88 -5.94
CA TYR D 163 10.75 12.89 -5.08
C TYR D 163 11.74 14.03 -4.88
N LYS D 164 11.25 15.07 -4.23
CA LYS D 164 12.02 16.26 -3.89
C LYS D 164 11.51 16.66 -2.48
N GLY D 165 12.28 17.49 -1.80
CA GLY D 165 11.94 18.00 -0.48
C GLY D 165 11.17 17.18 0.56
N VAL D 166 11.68 16.02 0.96
CA VAL D 166 11.01 15.21 1.97
C VAL D 166 11.25 15.92 3.29
N LYS D 167 10.21 16.00 4.11
CA LYS D 167 10.30 16.61 5.42
C LYS D 167 9.64 15.57 6.31
N VAL D 168 10.07 15.53 7.55
CA VAL D 168 9.50 14.61 8.52
C VAL D 168 9.22 15.32 9.84
N PHE D 169 8.14 14.89 10.50
CA PHE D 169 7.76 15.47 11.79
C PHE D 169 7.29 14.35 12.71
N LEU D 170 7.28 14.63 14.02
CA LEU D 170 6.77 13.68 15.01
C LEU D 170 5.75 14.47 15.79
N GLN D 171 4.58 13.91 16.02
CA GLN D 171 3.58 14.62 16.76
C GLN D 171 2.50 13.68 17.27
N ASP D 172 1.88 14.08 18.37
CA ASP D 172 0.81 13.32 18.99
C ASP D 172 -0.35 13.40 18.02
N LYS D 173 -0.95 12.24 17.74
CA LYS D 173 -2.09 12.15 16.83
C LYS D 173 -3.22 13.11 17.21
N TRP D 174 -3.61 13.14 18.49
CA TRP D 174 -4.70 14.02 18.91
C TRP D 174 -4.35 15.48 18.66
N VAL D 175 -3.08 15.81 18.73
CA VAL D 175 -2.67 17.19 18.53
C VAL D 175 -2.73 17.66 17.07
N ILE D 176 -2.75 16.71 16.12
CA ILE D 176 -2.82 17.05 14.70
C ILE D 176 -4.09 16.52 14.07
N ALA D 177 -4.98 16.02 14.90
CA ALA D 177 -6.19 15.48 14.36
C ALA D 177 -7.11 16.62 14.03
N GLY D 178 -7.92 16.41 13.00
CA GLY D 178 -8.86 17.42 12.57
C GLY D 178 -10.22 16.88 12.89
N ASP D 179 -11.23 17.47 12.28
CA ASP D 179 -12.59 17.07 12.55
C ASP D 179 -13.35 16.60 11.31
N LEU D 180 -12.63 16.41 10.21
CA LEU D 180 -13.21 15.99 8.94
C LEU D 180 -12.60 14.68 8.54
N ALA D 181 -13.43 13.72 8.11
CA ALA D 181 -12.92 12.41 7.71
C ALA D 181 -11.79 12.51 6.71
N GLY D 182 -10.86 11.58 6.81
CA GLY D 182 -9.72 11.53 5.91
C GLY D 182 -9.94 10.51 4.79
N SER D 183 -11.06 9.80 4.85
CA SER D 183 -11.44 8.80 3.87
C SER D 183 -12.92 8.48 4.15
N GLY D 184 -13.65 8.06 3.13
CA GLY D 184 -15.06 7.73 3.28
C GLY D 184 -15.33 6.26 3.58
N ASN D 185 -15.33 5.41 2.55
CA ASN D 185 -15.59 3.97 2.69
C ASN D 185 -14.67 3.27 3.67
N THR D 186 -13.41 3.70 3.75
CA THR D 186 -12.49 3.10 4.70
C THR D 186 -12.40 3.86 6.06
N THR D 187 -13.37 4.73 6.31
CA THR D 187 -13.49 5.51 7.55
C THR D 187 -12.25 5.93 8.36
N ASN D 188 -11.42 6.81 7.80
CA ASN D 188 -10.22 7.25 8.50
C ASN D 188 -10.40 8.62 9.09
N ILE D 189 -9.67 8.85 10.16
CA ILE D 189 -9.69 10.10 10.87
C ILE D 189 -8.92 11.05 9.99
N GLY D 190 -9.42 12.26 9.87
CA GLY D 190 -8.68 13.22 9.09
C GLY D 190 -7.81 14.09 10.00
N SER D 191 -6.62 14.43 9.52
CA SER D 191 -5.77 15.33 10.28
C SER D 191 -6.26 16.76 9.97
N ILE D 192 -5.55 17.75 10.48
CA ILE D 192 -5.87 19.14 10.21
C ILE D 192 -5.36 19.32 8.78
N HIS D 193 -5.86 20.32 8.06
CA HIS D 193 -5.37 20.58 6.69
C HIS D 193 -4.40 21.74 6.80
N ALA D 194 -3.10 21.46 6.91
CA ALA D 194 -2.16 22.54 7.12
C ALA D 194 -0.77 22.43 6.50
N HIS D 195 0.07 23.40 6.84
CA HIS D 195 1.43 23.44 6.35
C HIS D 195 2.29 22.61 7.27
N TYR D 196 3.40 22.12 6.72
CA TYR D 196 4.32 21.30 7.46
C TYR D 196 4.58 21.85 8.86
N LYS D 197 4.73 23.17 8.94
CA LYS D 197 5.00 23.89 10.19
C LYS D 197 3.97 23.69 11.28
N ASP D 198 2.70 23.66 10.92
CA ASP D 198 1.65 23.45 11.90
C ASP D 198 1.61 22.04 12.51
N PHE D 199 2.11 21.05 11.77
CA PHE D 199 2.14 19.67 12.28
C PHE D 199 3.28 19.61 13.28
N VAL D 200 4.43 20.16 12.90
CA VAL D 200 5.61 20.21 13.76
C VAL D 200 5.19 20.97 15.02
N GLU D 201 4.58 22.11 14.77
CA GLU D 201 4.08 23.00 15.79
C GLU D 201 3.16 22.27 16.75
N GLY D 202 2.13 21.68 16.19
CA GLY D 202 1.13 21.02 16.99
C GLY D 202 -0.08 21.94 17.06
N LYS D 203 -0.36 22.66 15.97
CA LYS D 203 -1.49 23.58 15.88
C LYS D 203 -2.75 22.76 15.68
N GLY D 204 -3.16 22.02 16.71
CA GLY D 204 -4.36 21.21 16.59
C GLY D 204 -5.62 21.97 16.88
N ILE D 205 -6.74 21.28 17.06
CA ILE D 205 -7.99 21.95 17.33
C ILE D 205 -8.73 21.37 18.53
N PHE D 206 -8.36 20.16 18.96
CA PHE D 206 -9.03 19.51 20.09
C PHE D 206 -8.42 20.00 21.43
N ASP D 207 -9.22 19.99 22.50
CA ASP D 207 -8.80 20.39 23.86
C ASP D 207 -7.87 19.33 24.48
N SER D 208 -8.18 18.06 24.24
CA SER D 208 -7.39 16.97 24.82
C SER D 208 -7.59 15.69 24.06
N GLU D 209 -6.67 14.73 24.25
CA GLU D 209 -6.75 13.41 23.65
C GLU D 209 -8.12 12.79 23.87
N ASP D 210 -8.75 13.04 25.01
CA ASP D 210 -10.09 12.51 25.25
C ASP D 210 -11.13 13.18 24.38
N GLU D 211 -10.96 14.47 24.09
CA GLU D 211 -11.95 15.12 23.25
C GLU D 211 -11.73 14.55 21.84
N PHE D 212 -10.47 14.36 21.47
CA PHE D 212 -10.14 13.77 20.19
C PHE D 212 -10.84 12.41 20.07
N LEU D 213 -10.70 11.58 21.08
CA LEU D 213 -11.30 10.26 21.06
C LEU D 213 -12.80 10.29 21.08
N ASP D 214 -13.40 11.20 21.84
CA ASP D 214 -14.84 11.23 21.91
C ASP D 214 -15.43 11.71 20.60
N TYR D 215 -14.79 12.71 19.99
CA TYR D 215 -15.28 13.22 18.71
C TYR D 215 -15.30 12.06 17.72
N TRP D 216 -14.17 11.40 17.59
CA TRP D 216 -14.04 10.30 16.66
C TRP D 216 -14.82 8.99 16.88
N ARG D 217 -15.17 8.72 18.14
CA ARG D 217 -15.91 7.53 18.55
C ARG D 217 -17.37 7.72 18.28
N ASN D 218 -17.79 8.97 18.11
CA ASN D 218 -19.20 9.27 17.90
C ASN D 218 -19.52 9.83 16.54
N TYR D 219 -18.49 9.91 15.71
CA TYR D 219 -18.62 10.44 14.36
C TYR D 219 -19.38 9.45 13.49
N GLU D 220 -20.47 9.92 12.90
CA GLU D 220 -21.24 9.08 11.99
C GLU D 220 -20.52 8.91 10.64
N ARG D 221 -20.60 7.69 10.09
CA ARG D 221 -19.96 7.31 8.82
C ARG D 221 -20.34 8.09 7.57
N THR D 222 -21.49 8.76 7.58
CA THR D 222 -21.91 9.51 6.41
C THR D 222 -22.45 10.88 6.81
N SER D 223 -22.51 11.81 5.87
CA SER D 223 -22.98 13.16 6.16
C SER D 223 -24.46 13.21 6.48
N GLN D 224 -25.22 12.28 5.92
CA GLN D 224 -26.67 12.23 6.16
C GLN D 224 -26.81 12.08 7.66
N LEU D 225 -26.15 11.05 8.18
CA LEU D 225 -26.16 10.74 9.61
C LEU D 225 -25.52 11.83 10.49
N ARG D 226 -24.51 12.51 9.94
CA ARG D 226 -23.82 13.56 10.67
C ARG D 226 -24.51 14.92 10.66
N ASN D 227 -25.35 15.19 9.67
CA ASN D 227 -26.01 16.50 9.63
C ASN D 227 -27.10 16.56 10.71
N ASP D 228 -27.45 15.39 11.25
CA ASP D 228 -28.44 15.29 12.32
C ASP D 228 -27.71 15.06 13.63
N LYS D 229 -26.43 15.40 13.67
CA LYS D 229 -25.65 15.18 14.88
C LYS D 229 -24.55 16.26 14.92
N TYR D 230 -23.36 15.95 14.42
CA TYR D 230 -22.32 16.95 14.38
C TYR D 230 -21.42 16.62 13.23
N ASN D 231 -20.78 17.65 12.67
CA ASN D 231 -19.89 17.45 11.55
C ASN D 231 -18.58 18.18 11.67
N ASN D 232 -18.36 18.88 12.77
CA ASN D 232 -17.09 19.56 13.02
C ASN D 232 -16.94 19.73 14.53
N ILE D 233 -15.76 20.15 15.00
CA ILE D 233 -15.48 20.35 16.40
C ILE D 233 -16.51 21.30 17.05
N SER D 234 -16.89 22.35 16.32
CA SER D 234 -17.86 23.31 16.80
C SER D 234 -19.18 22.64 17.08
N GLU D 235 -19.76 22.03 16.06
CA GLU D 235 -21.04 21.36 16.25
C GLU D 235 -20.99 20.22 17.26
N TYR D 236 -19.84 19.57 17.35
CA TYR D 236 -19.69 18.48 18.28
C TYR D 236 -19.82 19.03 19.72
N ARG D 237 -19.08 20.11 20.00
CA ARG D 237 -19.12 20.79 21.29
C ARG D 237 -20.54 21.22 21.62
N ASN D 238 -21.28 21.72 20.65
CA ASN D 238 -22.67 22.10 20.89
C ASN D 238 -23.47 20.87 21.20
N TRP D 239 -23.09 19.76 20.59
CA TRP D 239 -23.73 18.44 20.78
C TRP D 239 -23.42 17.91 22.20
N ILE D 240 -22.20 18.12 22.67
CA ILE D 240 -21.82 17.71 24.01
C ILE D 240 -22.71 18.52 24.94
N TYR D 241 -22.71 19.81 24.71
CA TYR D 241 -23.49 20.76 25.47
C TYR D 241 -24.96 20.41 25.53
N ARG D 242 -25.60 20.23 24.38
CA ARG D 242 -27.03 19.93 24.37
C ARG D 242 -27.35 18.64 25.12
N GLY D 243 -26.32 17.97 25.62
CA GLY D 243 -26.48 16.75 26.38
C GLY D 243 -26.28 15.50 25.56
N ARG D 244 -25.28 15.53 24.66
CA ARG D 244 -24.95 14.44 23.73
C ARG D 244 -26.20 13.97 23.04
N LYS D 245 -26.81 14.95 22.39
CA LYS D 245 -28.05 14.78 21.66
C LYS D 245 -28.36 16.17 21.10
#